data_6YD9
#
_entry.id   6YD9
#
_cell.length_a   41.180
_cell.length_b   67.143
_cell.length_c   68.971
_cell.angle_alpha   90.000
_cell.angle_beta   90.000
_cell.angle_gamma   90.000
#
_symmetry.space_group_name_H-M   'P 21 21 21'
#
loop_
_entity.id
_entity.type
_entity.pdbx_description
1 polymer 'DNA gyrase subunit B'
2 non-polymer N-[6-(3-azanylpropanoylamino)-1,3-benzothiazol-2-yl]-3,4-bis(chloranyl)-5-methyl-1H-pyrrole-2-carboxamide
3 non-polymer 1,2-ETHANEDIOL
4 water water
#
_entity_poly.entity_id   1
_entity_poly.type   'polypeptide(L)'
_entity_poly.pdbx_seq_one_letter_code
;MSNSYDSSSIKVLKGLDAVRKRPGMYIGDTDDGTGLHHMVFEVVDNAIDEALAGHCKEIIVTIHADNSVSVQDDGRGIPT
GIHPEEGVSAAEVIMTVLHAGGKFDDNSYKVSGGLHGVGVSVVNALSQKLELVIQREGKIHRQIYEHGVPQAPLAVTGET
EKTGTMVRFWPSLETFTNVTEFEYEILAKRLRELSFLNSGVSIRLRDKRDGKEDHFHYEG
;
_entity_poly.pdbx_strand_id   A
#
# COMPACT_ATOMS: atom_id res chain seq x y z
N SER A 4 -18.76 -15.31 -8.50
CA SER A 4 -19.85 -14.74 -7.66
C SER A 4 -19.36 -13.46 -6.96
N TYR A 5 -19.88 -12.35 -7.46
CA TYR A 5 -19.82 -11.00 -6.84
C TYR A 5 -20.13 -11.15 -5.34
N ASP A 6 -21.11 -11.99 -5.05
CA ASP A 6 -21.65 -12.15 -3.68
C ASP A 6 -20.68 -12.95 -2.80
N SER A 7 -20.22 -14.11 -3.26
N SER A 7 -20.23 -14.12 -3.26
CA SER A 7 -19.34 -15.01 -2.47
CA SER A 7 -19.31 -15.01 -2.50
C SER A 7 -17.98 -14.32 -2.25
C SER A 7 -18.00 -14.28 -2.23
N SER A 8 -17.52 -13.54 -3.23
CA SER A 8 -16.27 -12.74 -3.12
C SER A 8 -16.44 -11.78 -1.95
N SER A 9 -17.56 -11.08 -1.88
CA SER A 9 -17.78 -10.03 -0.83
C SER A 9 -17.75 -10.69 0.57
N ILE A 10 -18.41 -11.83 0.71
CA ILE A 10 -18.53 -12.54 2.01
C ILE A 10 -17.13 -13.00 2.44
N LYS A 11 -16.39 -13.59 1.50
CA LYS A 11 -15.02 -14.12 1.76
C LYS A 11 -14.08 -12.97 2.14
N VAL A 12 -14.19 -11.85 1.43
CA VAL A 12 -13.32 -10.68 1.73
C VAL A 12 -13.58 -10.21 3.16
N LEU A 13 -14.84 -10.05 3.54
CA LEU A 13 -15.15 -9.50 4.89
C LEU A 13 -14.71 -10.47 5.98
N LYS A 14 -14.83 -11.77 5.75
CA LYS A 14 -14.27 -12.74 6.72
C LYS A 14 -12.76 -12.56 6.84
N GLY A 15 -12.06 -12.32 5.73
CA GLY A 15 -10.60 -12.10 5.73
C GLY A 15 -10.23 -10.85 6.49
N LEU A 16 -10.96 -9.77 6.26
CA LEU A 16 -10.66 -8.47 6.94
C LEU A 16 -10.86 -8.67 8.45
N ASP A 17 -11.91 -9.37 8.82
CA ASP A 17 -12.22 -9.64 10.25
C ASP A 17 -11.07 -10.44 10.85
N ALA A 18 -10.59 -11.46 10.13
CA ALA A 18 -9.51 -12.34 10.63
C ALA A 18 -8.28 -11.49 10.96
N VAL A 19 -7.91 -10.57 10.05
CA VAL A 19 -6.66 -9.77 10.22
C VAL A 19 -6.88 -8.83 11.42
N ARG A 20 -8.04 -8.19 11.48
CA ARG A 20 -8.33 -7.20 12.57
C ARG A 20 -8.29 -7.91 13.92
N LYS A 21 -8.73 -9.16 13.99
N LYS A 21 -8.74 -9.16 13.99
CA LYS A 21 -8.81 -9.87 15.30
CA LYS A 21 -8.83 -9.90 15.28
C LYS A 21 -7.43 -10.40 15.71
C LYS A 21 -7.43 -10.38 15.71
N ARG A 22 -6.57 -10.76 14.74
CA ARG A 22 -5.25 -11.35 15.03
C ARG A 22 -4.17 -10.60 14.29
N PRO A 23 -4.04 -9.29 14.54
CA PRO A 23 -3.23 -8.45 13.66
C PRO A 23 -1.73 -8.77 13.67
N GLY A 24 -1.17 -9.08 14.84
CA GLY A 24 0.26 -9.44 15.01
C GLY A 24 0.64 -10.63 14.15
N MET A 25 -0.26 -11.59 14.00
CA MET A 25 -0.08 -12.80 13.15
C MET A 25 0.21 -12.41 11.70
N TYR A 26 -0.31 -11.28 11.27
CA TYR A 26 -0.29 -10.88 9.84
C TYR A 26 0.77 -9.82 9.61
N ILE A 27 0.99 -8.91 10.56
CA ILE A 27 1.83 -7.74 10.30
C ILE A 27 3.06 -7.70 11.23
N GLY A 28 3.06 -8.49 12.29
CA GLY A 28 4.11 -8.41 13.33
C GLY A 28 3.68 -7.57 14.52
N ASP A 29 4.55 -7.41 15.50
CA ASP A 29 4.18 -6.88 16.83
C ASP A 29 3.50 -5.52 16.68
N THR A 30 2.36 -5.34 17.36
CA THR A 30 1.51 -4.15 17.20
C THR A 30 1.87 -3.09 18.24
N ASP A 31 2.87 -3.36 19.08
CA ASP A 31 3.21 -2.43 20.18
C ASP A 31 4.65 -1.91 20.07
N ASP A 32 5.56 -2.63 19.44
CA ASP A 32 6.99 -2.25 19.56
C ASP A 32 7.44 -1.46 18.31
N GLY A 33 6.50 -1.14 17.43
CA GLY A 33 6.73 -0.38 16.18
C GLY A 33 7.08 -1.23 14.99
N THR A 34 7.39 -2.51 15.17
CA THR A 34 7.85 -3.33 14.01
C THR A 34 6.64 -3.56 13.11
N GLY A 35 5.48 -3.91 13.64
CA GLY A 35 4.28 -4.07 12.79
C GLY A 35 3.94 -2.76 12.12
N LEU A 36 4.01 -1.64 12.85
CA LEU A 36 3.62 -0.34 12.26
C LEU A 36 4.49 -0.05 11.02
N HIS A 37 5.81 -0.21 11.12
CA HIS A 37 6.73 0.12 10.00
C HIS A 37 6.59 -0.95 8.92
N HIS A 38 6.29 -2.19 9.29
CA HIS A 38 6.06 -3.27 8.29
C HIS A 38 4.90 -2.89 7.37
N MET A 39 3.93 -2.12 7.85
CA MET A 39 2.80 -1.63 7.01
C MET A 39 3.38 -0.91 5.79
N VAL A 40 4.36 -0.05 6.01
CA VAL A 40 5.01 0.68 4.89
C VAL A 40 5.74 -0.34 4.02
N PHE A 41 6.54 -1.20 4.62
CA PHE A 41 7.43 -2.10 3.83
C PHE A 41 6.60 -3.05 2.98
N GLU A 42 5.44 -3.52 3.47
CA GLU A 42 4.60 -4.40 2.61
C GLU A 42 4.17 -3.64 1.35
N VAL A 43 3.73 -2.39 1.47
CA VAL A 43 3.30 -1.60 0.29
C VAL A 43 4.49 -1.44 -0.65
N VAL A 44 5.66 -1.13 -0.09
CA VAL A 44 6.89 -0.92 -0.90
C VAL A 44 7.27 -2.23 -1.58
N ASP A 45 7.13 -3.38 -0.91
CA ASP A 45 7.49 -4.70 -1.49
C ASP A 45 6.61 -4.97 -2.72
N ASN A 46 5.36 -4.52 -2.70
CA ASN A 46 4.51 -4.68 -3.91
C ASN A 46 5.05 -3.84 -5.07
N ALA A 47 5.50 -2.61 -4.83
CA ALA A 47 6.15 -1.75 -5.85
C ALA A 47 7.46 -2.41 -6.30
N ILE A 48 8.19 -3.09 -5.40
CA ILE A 48 9.47 -3.80 -5.73
CA ILE A 48 9.47 -3.74 -5.79
C ILE A 48 9.14 -4.94 -6.70
N ASP A 49 8.04 -5.64 -6.46
CA ASP A 49 7.61 -6.71 -7.39
C ASP A 49 7.48 -6.10 -8.80
N GLU A 50 6.90 -4.90 -8.88
CA GLU A 50 6.56 -4.23 -10.16
C GLU A 50 7.85 -3.70 -10.80
N ALA A 51 8.90 -3.47 -9.99
CA ALA A 51 10.28 -3.19 -10.48
C ALA A 51 10.95 -4.46 -11.00
N LEU A 52 10.78 -5.59 -10.31
CA LEU A 52 11.41 -6.85 -10.76
C LEU A 52 10.74 -7.30 -12.06
N ALA A 53 9.49 -6.87 -12.29
CA ALA A 53 8.78 -7.15 -13.56
C ALA A 53 9.33 -6.21 -14.66
N GLY A 54 10.07 -5.17 -14.27
CA GLY A 54 10.81 -4.27 -15.17
C GLY A 54 10.03 -3.05 -15.61
N HIS A 55 8.93 -2.72 -14.94
CA HIS A 55 8.08 -1.55 -15.32
C HIS A 55 8.33 -0.39 -14.35
N CYS A 56 8.47 -0.71 -13.08
CA CYS A 56 8.75 0.28 -12.03
C CYS A 56 10.27 0.53 -12.00
N LYS A 57 10.68 1.78 -12.12
CA LYS A 57 12.09 2.21 -11.96
C LYS A 57 12.24 3.08 -10.71
N GLU A 58 11.17 3.67 -10.20
CA GLU A 58 11.30 4.60 -9.06
C GLU A 58 10.11 4.45 -8.11
N ILE A 59 10.40 4.47 -6.83
CA ILE A 59 9.42 4.32 -5.73
C ILE A 59 9.63 5.52 -4.84
N ILE A 60 8.56 6.24 -4.53
CA ILE A 60 8.64 7.46 -3.69
C ILE A 60 7.83 7.20 -2.42
N VAL A 61 8.50 7.25 -1.27
CA VAL A 61 7.86 7.00 0.05
C VAL A 61 7.79 8.33 0.79
N THR A 62 6.59 8.73 1.18
CA THR A 62 6.40 10.06 1.81
C THR A 62 5.76 9.87 3.16
N ILE A 63 6.34 10.47 4.20
CA ILE A 63 5.67 10.54 5.53
C ILE A 63 4.94 11.88 5.58
N HIS A 64 3.61 11.82 5.64
CA HIS A 64 2.76 13.03 5.60
C HIS A 64 2.68 13.66 6.98
N ALA A 65 2.33 14.93 7.04
CA ALA A 65 2.32 15.67 8.32
C ALA A 65 1.20 15.13 9.24
N ASP A 66 0.23 14.39 8.69
CA ASP A 66 -0.89 13.78 9.46
C ASP A 66 -0.54 12.32 9.87
N ASN A 67 0.72 11.90 9.71
CA ASN A 67 1.23 10.57 10.15
C ASN A 67 0.64 9.48 9.27
N SER A 68 0.20 9.81 8.06
CA SER A 68 -0.06 8.78 7.03
C SER A 68 1.24 8.65 6.22
N VAL A 69 1.35 7.56 5.49
CA VAL A 69 2.49 7.31 4.57
C VAL A 69 1.93 7.02 3.20
N SER A 70 2.52 7.61 2.17
CA SER A 70 2.17 7.29 0.78
C SER A 70 3.36 6.57 0.12
N VAL A 71 3.05 5.61 -0.75
CA VAL A 71 4.04 4.93 -1.62
C VAL A 71 3.57 5.18 -3.05
N GLN A 72 4.38 5.83 -3.86
CA GLN A 72 4.04 6.05 -5.28
C GLN A 72 5.06 5.29 -6.13
N ASP A 73 4.62 4.54 -7.11
CA ASP A 73 5.53 3.95 -8.14
C ASP A 73 5.16 4.48 -9.52
N ASP A 74 6.05 4.21 -10.46
CA ASP A 74 5.92 4.61 -11.88
C ASP A 74 5.76 3.33 -12.70
N GLY A 75 5.23 2.28 -12.08
CA GLY A 75 4.88 1.04 -12.79
C GLY A 75 3.66 1.18 -13.70
N ARG A 76 3.10 0.05 -14.09
CA ARG A 76 1.99 0.01 -15.08
C ARG A 76 0.71 0.55 -14.48
N GLY A 77 0.58 0.53 -13.15
CA GLY A 77 -0.68 0.83 -12.47
C GLY A 77 -1.41 -0.46 -12.24
N ILE A 78 -1.93 -0.63 -11.04
CA ILE A 78 -2.68 -1.87 -10.74
C ILE A 78 -3.84 -1.93 -11.73
N PRO A 79 -4.11 -3.10 -12.35
CA PRO A 79 -5.17 -3.19 -13.34
C PRO A 79 -6.52 -2.70 -12.80
N THR A 80 -7.30 -2.04 -13.65
CA THR A 80 -8.53 -1.32 -13.23
C THR A 80 -9.78 -1.97 -13.79
N GLY A 81 -9.66 -2.85 -14.80
CA GLY A 81 -10.81 -3.51 -15.42
C GLY A 81 -11.56 -4.38 -14.44
N ILE A 82 -12.87 -4.48 -14.63
CA ILE A 82 -13.75 -5.39 -13.85
C ILE A 82 -13.30 -6.83 -14.08
N HIS A 83 -12.86 -7.48 -13.01
CA HIS A 83 -12.57 -8.93 -12.92
C HIS A 83 -13.90 -9.67 -12.88
N PRO A 84 -14.32 -10.37 -13.96
CA PRO A 84 -15.68 -10.92 -14.03
C PRO A 84 -16.11 -11.78 -12.82
N GLU A 85 -15.21 -12.57 -12.23
CA GLU A 85 -15.56 -13.53 -11.14
C GLU A 85 -16.04 -12.76 -9.90
N GLU A 86 -15.31 -11.72 -9.49
CA GLU A 86 -15.65 -10.91 -8.28
C GLU A 86 -16.59 -9.76 -8.69
N GLY A 87 -16.62 -9.36 -9.97
CA GLY A 87 -17.53 -8.30 -10.49
C GLY A 87 -17.11 -6.91 -10.02
N VAL A 88 -15.89 -6.79 -9.53
CA VAL A 88 -15.27 -5.50 -9.11
C VAL A 88 -13.93 -5.35 -9.83
N SER A 89 -13.42 -4.13 -9.83
CA SER A 89 -12.11 -3.80 -10.44
C SER A 89 -11.08 -4.82 -9.94
N ALA A 90 -10.16 -5.20 -10.82
CA ALA A 90 -9.03 -6.07 -10.43
C ALA A 90 -8.27 -5.39 -9.28
N ALA A 91 -8.25 -4.05 -9.23
CA ALA A 91 -7.57 -3.30 -8.15
C ALA A 91 -8.23 -3.62 -6.81
N GLU A 92 -9.56 -3.56 -6.78
CA GLU A 92 -10.29 -3.82 -5.52
C GLU A 92 -9.94 -5.24 -5.06
N VAL A 93 -9.88 -6.20 -5.99
CA VAL A 93 -9.53 -7.61 -5.63
C VAL A 93 -8.16 -7.63 -4.96
N ILE A 94 -7.18 -6.96 -5.55
CA ILE A 94 -5.78 -6.98 -5.06
C ILE A 94 -5.74 -6.33 -3.68
N MET A 95 -6.57 -5.32 -3.47
CA MET A 95 -6.49 -4.51 -2.24
C MET A 95 -7.21 -5.22 -1.08
N THR A 96 -8.03 -6.22 -1.36
CA THR A 96 -8.97 -6.79 -0.35
C THR A 96 -8.80 -8.29 -0.12
N VAL A 97 -8.27 -9.04 -1.08
CA VAL A 97 -8.20 -10.52 -0.97
C VAL A 97 -6.94 -10.91 -0.20
N LEU A 98 -7.12 -11.73 0.84
CA LEU A 98 -6.05 -12.17 1.77
C LEU A 98 -5.17 -13.19 1.07
N HIS A 99 -3.85 -12.95 1.13
CA HIS A 99 -2.75 -13.84 0.66
C HIS A 99 -1.74 -14.04 1.79
N GLY A 117 5.89 -11.85 1.25
CA GLY A 117 4.97 -10.70 1.34
C GLY A 117 3.61 -11.09 1.92
N VAL A 118 3.13 -10.35 2.92
CA VAL A 118 1.86 -10.66 3.66
C VAL A 118 0.65 -10.25 2.80
N GLY A 119 0.84 -9.44 1.76
CA GLY A 119 -0.25 -8.97 0.89
C GLY A 119 -0.71 -7.57 1.29
N VAL A 120 -0.97 -6.72 0.31
CA VAL A 120 -1.41 -5.32 0.61
C VAL A 120 -2.80 -5.32 1.29
N SER A 121 -3.61 -6.37 1.14
CA SER A 121 -4.91 -6.45 1.86
C SER A 121 -4.71 -6.38 3.39
N VAL A 122 -3.57 -6.84 3.91
CA VAL A 122 -3.30 -6.81 5.38
C VAL A 122 -3.13 -5.35 5.78
N VAL A 123 -2.38 -4.60 5.00
CA VAL A 123 -2.17 -3.17 5.31
C VAL A 123 -3.55 -2.49 5.28
N ASN A 124 -4.32 -2.78 4.25
CA ASN A 124 -5.64 -2.15 4.08
C ASN A 124 -6.50 -2.44 5.32
N ALA A 125 -6.57 -3.70 5.72
CA ALA A 125 -7.40 -4.16 6.85
C ALA A 125 -7.06 -3.36 8.11
N LEU A 126 -5.76 -3.12 8.29
CA LEU A 126 -5.23 -2.46 9.52
C LEU A 126 -5.07 -0.96 9.37
N SER A 127 -5.69 -0.36 8.33
CA SER A 127 -5.68 1.10 8.09
C SER A 127 -7.07 1.66 8.38
N GLN A 128 -7.15 2.65 9.26
CA GLN A 128 -8.38 3.44 9.46
C GLN A 128 -8.91 3.89 8.10
N LYS A 129 -8.00 4.34 7.24
CA LYS A 129 -8.31 4.84 5.89
C LYS A 129 -7.17 4.49 4.94
N LEU A 130 -7.52 4.26 3.69
CA LEU A 130 -6.51 4.02 2.63
C LEU A 130 -7.01 4.67 1.36
N GLU A 131 -6.13 5.44 0.71
CA GLU A 131 -6.43 6.10 -0.57
C GLU A 131 -5.59 5.41 -1.65
N LEU A 132 -6.26 4.97 -2.70
CA LEU A 132 -5.65 4.35 -3.90
C LEU A 132 -5.85 5.29 -5.10
N VAL A 133 -4.75 5.63 -5.79
CA VAL A 133 -4.76 6.42 -7.04
C VAL A 133 -3.95 5.65 -8.09
N ILE A 134 -4.63 5.26 -9.18
CA ILE A 134 -4.00 4.49 -10.26
C ILE A 134 -4.06 5.34 -11.54
N GLN A 135 -2.91 5.51 -12.18
CA GLN A 135 -2.80 6.14 -13.52
C GLN A 135 -2.47 5.06 -14.54
N ARG A 136 -3.35 4.89 -15.52
CA ARG A 136 -3.06 3.95 -16.64
C ARG A 136 -4.11 4.08 -17.72
N GLU A 137 -3.73 3.67 -18.92
CA GLU A 137 -4.55 3.75 -20.14
C GLU A 137 -5.18 5.15 -20.24
N GLY A 138 -4.40 6.16 -19.86
CA GLY A 138 -4.72 7.59 -20.04
C GLY A 138 -5.70 8.11 -19.02
N LYS A 139 -6.06 7.30 -18.03
CA LYS A 139 -7.01 7.76 -16.99
C LYS A 139 -6.40 7.60 -15.59
N ILE A 140 -6.86 8.48 -14.70
CA ILE A 140 -6.72 8.48 -13.23
C ILE A 140 -7.97 7.84 -12.62
N HIS A 141 -7.70 6.88 -11.77
CA HIS A 141 -8.72 6.09 -11.03
C HIS A 141 -8.45 6.27 -9.55
N ARG A 142 -9.49 6.51 -8.75
CA ARG A 142 -9.34 6.68 -7.30
C ARG A 142 -10.37 5.86 -6.55
N GLN A 143 -9.98 5.39 -5.37
CA GLN A 143 -10.87 4.61 -4.48
C GLN A 143 -10.40 4.88 -3.06
N ILE A 144 -11.37 4.99 -2.16
CA ILE A 144 -11.11 5.18 -0.71
C ILE A 144 -11.59 3.94 0.03
N TYR A 145 -10.79 3.47 0.98
CA TYR A 145 -11.15 2.34 1.88
C TYR A 145 -11.16 2.81 3.33
N GLU A 146 -11.98 2.16 4.13
CA GLU A 146 -11.99 2.36 5.60
C GLU A 146 -11.92 0.97 6.19
N HIS A 147 -10.88 0.66 6.95
CA HIS A 147 -10.71 -0.67 7.58
C HIS A 147 -10.79 -1.79 6.52
N GLY A 148 -10.27 -1.51 5.32
CA GLY A 148 -10.19 -2.49 4.22
C GLY A 148 -11.45 -2.52 3.42
N VAL A 149 -12.45 -1.70 3.76
CA VAL A 149 -13.79 -1.76 3.08
C VAL A 149 -13.90 -0.61 2.10
N PRO A 150 -14.09 -0.89 0.79
CA PRO A 150 -14.15 0.19 -0.19
C PRO A 150 -15.41 1.06 0.01
N GLN A 151 -15.25 2.36 0.05
CA GLN A 151 -16.38 3.33 0.17
C GLN A 151 -17.29 3.22 -1.05
N ALA A 152 -16.69 2.99 -2.22
CA ALA A 152 -17.40 2.97 -3.51
C ALA A 152 -16.53 2.20 -4.48
N PRO A 153 -17.07 1.72 -5.62
CA PRO A 153 -16.21 1.16 -6.65
C PRO A 153 -15.14 2.14 -7.13
N LEU A 154 -14.00 1.59 -7.54
CA LEU A 154 -12.94 2.35 -8.23
C LEU A 154 -13.58 3.20 -9.32
N ALA A 155 -13.23 4.49 -9.39
CA ALA A 155 -13.90 5.45 -10.29
C ALA A 155 -12.85 6.28 -11.03
N VAL A 156 -13.12 6.63 -12.27
CA VAL A 156 -12.23 7.56 -13.04
C VAL A 156 -12.50 8.97 -12.52
N THR A 157 -11.45 9.75 -12.27
CA THR A 157 -11.53 11.14 -11.76
C THR A 157 -10.92 12.13 -12.77
N GLY A 158 -10.23 11.63 -13.79
CA GLY A 158 -9.69 12.51 -14.83
C GLY A 158 -8.72 11.75 -15.73
N GLU A 159 -8.00 12.51 -16.56
CA GLU A 159 -7.08 11.90 -17.54
C GLU A 159 -5.65 12.22 -17.15
N THR A 160 -4.73 11.44 -17.71
CA THR A 160 -3.27 11.54 -17.41
C THR A 160 -2.49 10.92 -18.55
N GLU A 161 -1.25 11.35 -18.75
CA GLU A 161 -0.35 10.69 -19.71
C GLU A 161 0.61 9.80 -18.93
N LYS A 162 0.50 9.73 -17.60
CA LYS A 162 1.45 8.96 -16.75
C LYS A 162 0.83 7.62 -16.37
N THR A 163 1.68 6.71 -15.87
CA THR A 163 1.28 5.41 -15.30
C THR A 163 1.88 5.23 -13.91
N GLY A 164 1.16 4.50 -13.09
CA GLY A 164 1.69 4.10 -11.79
C GLY A 164 0.62 3.97 -10.75
N THR A 165 1.06 3.66 -9.55
CA THR A 165 0.19 3.34 -8.42
C THR A 165 0.64 4.16 -7.23
N MET A 166 -0.35 4.74 -6.55
CA MET A 166 -0.13 5.49 -5.29
C MET A 166 -1.05 4.88 -4.24
N VAL A 167 -0.46 4.42 -3.15
CA VAL A 167 -1.23 3.96 -1.96
C VAL A 167 -0.85 4.88 -0.81
N ARG A 168 -1.84 5.48 -0.16
CA ARG A 168 -1.60 6.31 1.04
C ARG A 168 -2.45 5.70 2.14
N PHE A 169 -1.87 5.41 3.28
CA PHE A 169 -2.65 4.79 4.37
C PHE A 169 -2.39 5.50 5.69
N TRP A 170 -3.46 5.46 6.49
CA TRP A 170 -3.54 6.02 7.86
C TRP A 170 -3.69 4.80 8.76
N PRO A 171 -2.64 4.34 9.47
CA PRO A 171 -2.71 3.13 10.28
C PRO A 171 -3.74 3.27 11.39
N SER A 172 -4.43 2.18 11.66
CA SER A 172 -5.38 2.16 12.78
C SER A 172 -4.67 2.31 14.12
N LEU A 173 -5.05 3.31 14.94
CA LEU A 173 -4.51 3.44 16.33
C LEU A 173 -5.43 2.65 17.29
N GLU A 174 -6.40 1.93 16.77
CA GLU A 174 -6.99 0.81 17.54
C GLU A 174 -6.01 -0.37 17.53
N THR A 175 -5.57 -0.77 16.34
CA THR A 175 -4.61 -1.88 16.17
C THR A 175 -3.27 -1.54 16.83
N PHE A 176 -2.67 -0.40 16.49
CA PHE A 176 -1.27 -0.09 16.83
C PHE A 176 -1.20 0.80 18.07
N THR A 177 -0.38 0.39 19.03
CA THR A 177 -0.21 1.10 20.32
C THR A 177 1.26 1.36 20.62
N ASN A 178 1.51 2.28 21.54
CA ASN A 178 2.84 2.60 22.10
C ASN A 178 3.64 3.32 21.00
N VAL A 179 4.13 2.60 20.01
CA VAL A 179 4.85 3.25 18.87
C VAL A 179 3.82 3.53 17.78
N THR A 180 3.35 4.76 17.66
CA THR A 180 2.21 5.09 16.77
C THR A 180 2.67 6.03 15.66
N GLU A 181 3.85 6.63 15.78
CA GLU A 181 4.33 7.65 14.81
C GLU A 181 5.43 7.00 13.98
N PHE A 182 5.40 7.18 12.68
CA PHE A 182 6.48 6.64 11.82
C PHE A 182 7.81 7.34 12.15
N GLU A 183 8.87 6.55 12.19
CA GLU A 183 10.24 7.00 12.50
C GLU A 183 11.02 7.02 11.18
N TYR A 184 11.45 8.21 10.76
CA TYR A 184 12.19 8.37 9.49
C TYR A 184 13.35 7.36 9.40
N GLU A 185 14.17 7.26 10.44
CA GLU A 185 15.41 6.43 10.43
C GLU A 185 15.04 4.95 10.19
N ILE A 186 13.91 4.49 10.71
CA ILE A 186 13.51 3.06 10.54
C ILE A 186 13.14 2.83 9.08
N LEU A 187 12.36 3.75 8.51
CA LEU A 187 12.04 3.66 7.07
C LEU A 187 13.32 3.77 6.24
N ALA A 188 14.19 4.73 6.54
CA ALA A 188 15.42 4.97 5.76
C ALA A 188 16.26 3.68 5.74
N LYS A 189 16.42 2.99 6.87
CA LYS A 189 17.30 1.79 6.93
C LYS A 189 16.76 0.71 5.98
N ARG A 190 15.45 0.42 6.05
CA ARG A 190 14.91 -0.69 5.24
C ARG A 190 14.88 -0.27 3.76
N LEU A 191 14.60 1.00 3.47
CA LEU A 191 14.55 1.42 2.05
C LEU A 191 15.97 1.40 1.47
N ARG A 192 16.99 1.81 2.25
CA ARG A 192 18.39 1.72 1.80
C ARG A 192 18.72 0.26 1.49
N GLU A 193 18.33 -0.65 2.40
CA GLU A 193 18.53 -2.11 2.24
C GLU A 193 17.83 -2.59 0.96
N LEU A 194 16.59 -2.17 0.72
CA LEU A 194 15.84 -2.66 -0.46
C LEU A 194 16.50 -2.17 -1.75
N SER A 195 17.07 -0.97 -1.72
CA SER A 195 17.78 -0.44 -2.91
C SER A 195 19.03 -1.26 -3.17
N PHE A 196 19.75 -1.68 -2.13
CA PHE A 196 20.91 -2.57 -2.25
C PHE A 196 20.53 -3.92 -2.85
N LEU A 197 19.42 -4.48 -2.38
CA LEU A 197 18.91 -5.80 -2.84
C LEU A 197 18.35 -5.73 -4.26
N ASN A 198 17.98 -4.54 -4.73
CA ASN A 198 17.26 -4.37 -6.02
C ASN A 198 18.02 -3.31 -6.83
N SER A 199 19.19 -3.70 -7.30
CA SER A 199 20.10 -2.85 -8.07
C SER A 199 19.33 -2.18 -9.21
N GLY A 200 19.47 -0.86 -9.37
CA GLY A 200 18.81 -0.13 -10.45
C GLY A 200 17.37 0.26 -10.16
N VAL A 201 16.90 0.05 -8.94
CA VAL A 201 15.61 0.65 -8.54
C VAL A 201 15.98 1.87 -7.73
N SER A 202 15.31 2.99 -7.97
CA SER A 202 15.56 4.24 -7.20
C SER A 202 14.45 4.36 -6.17
N ILE A 203 14.82 4.52 -4.89
CA ILE A 203 13.82 4.60 -3.79
C ILE A 203 14.05 5.92 -3.07
N ARG A 204 13.09 6.83 -3.17
CA ARG A 204 13.13 8.16 -2.53
C ARG A 204 12.26 8.14 -1.26
N LEU A 205 12.75 8.84 -0.25
CA LEU A 205 12.07 8.98 1.07
C LEU A 205 11.98 10.48 1.36
N ARG A 206 10.78 10.93 1.72
CA ARG A 206 10.46 12.35 1.95
C ARG A 206 9.67 12.45 3.26
N ASP A 207 10.10 13.33 4.15
CA ASP A 207 9.37 13.58 5.41
C ASP A 207 8.73 14.96 5.37
N LYS A 208 7.41 15.05 5.14
CA LYS A 208 6.70 16.36 5.09
C LYS A 208 6.66 17.01 6.47
N ARG A 209 6.94 16.26 7.52
CA ARG A 209 6.91 16.86 8.89
C ARG A 209 8.07 17.84 9.05
N ASP A 210 9.24 17.60 8.44
CA ASP A 210 10.45 18.42 8.71
C ASP A 210 11.33 18.68 7.46
N GLY A 211 10.94 18.20 6.28
CA GLY A 211 11.67 18.47 5.02
C GLY A 211 12.80 17.48 4.72
N LYS A 212 13.01 16.45 5.54
CA LYS A 212 14.09 15.46 5.29
C LYS A 212 13.80 14.75 3.97
N GLU A 213 14.84 14.54 3.16
CA GLU A 213 14.75 13.66 1.96
C GLU A 213 15.99 12.78 1.88
N ASP A 214 15.78 11.63 1.28
CA ASP A 214 16.86 10.71 0.89
C ASP A 214 16.54 10.11 -0.47
N HIS A 215 17.59 9.61 -1.12
CA HIS A 215 17.52 9.02 -2.49
C HIS A 215 18.44 7.81 -2.48
N PHE A 216 17.85 6.63 -2.35
CA PHE A 216 18.62 5.38 -2.28
C PHE A 216 18.68 4.76 -3.66
N HIS A 217 19.88 4.44 -4.12
CA HIS A 217 20.06 3.70 -5.39
C HIS A 217 21.45 3.07 -5.38
N TYR A 218 21.46 1.82 -5.83
N TYR A 218 21.66 1.88 -5.94
CA TYR A 218 22.60 0.87 -5.93
CA TYR A 218 23.03 1.31 -5.98
C TYR A 218 22.64 0.31 -7.35
C TYR A 218 23.42 0.89 -7.42
#